data_7L64
#
_entry.id   7L64
#
_cell.length_a   33.053
_cell.length_b   57.180
_cell.length_c   34.383
_cell.angle_alpha   90.000
_cell.angle_beta   112.810
_cell.angle_gamma   90.000
#
_symmetry.space_group_name_H-M   'P 1 21 1'
#
loop_
_entity.id
_entity.type
_entity.pdbx_description
1 polymer 'Macrophage mannose receptor 1'
2 branched beta-D-galactopyranose-(1-3)-[alpha-L-fucopyranose-(1-4)]2-acetamido-2-deoxy-beta-D-glucopyranose
3 non-polymer 'CALCIUM ION'
4 water water
#
_entity_poly.entity_id   1
_entity_poly.type   'polypeptide(L)'
_entity_poly.pdbx_seq_one_letter_code
;ACPEDWGASSRTSLCFKLYAKGKHEKKTWFESRDFCRALGGDLASINNKEEQQTIWRLITASGSYHKLFWLGLTYGSPSE
GFTWSDGSPVSYENWAYGEPNNYQNVEYCGELKGDPTMSWNDINCEHLNNWICQI
;
_entity_poly.pdbx_strand_id   A
#
# COMPACT_ATOMS: atom_id res chain seq x y z
N LEU A 14 0.68 -15.78 -2.62
CA LEU A 14 0.05 -15.27 -1.42
C LEU A 14 -1.37 -14.79 -1.72
N CYS A 15 -2.22 -14.82 -0.70
CA CYS A 15 -3.60 -14.35 -0.81
C CYS A 15 -3.71 -12.94 -0.26
N PHE A 16 -4.45 -12.09 -0.96
CA PHE A 16 -4.64 -10.72 -0.54
C PHE A 16 -6.02 -10.55 0.08
N LYS A 17 -6.11 -9.65 1.04
CA LYS A 17 -7.40 -9.32 1.65
C LYS A 17 -7.45 -7.82 1.91
N LEU A 18 -8.52 -7.19 1.44
CA LEU A 18 -8.77 -5.77 1.67
C LEU A 18 -9.33 -5.55 3.07
N TYR A 19 -8.92 -4.46 3.70
CA TYR A 19 -9.48 -4.01 4.97
C TYR A 19 -9.92 -2.56 4.81
N ALA A 20 -11.23 -2.36 4.62
CA ALA A 20 -11.86 -1.04 4.55
C ALA A 20 -12.96 -1.04 5.61
N LYS A 21 -12.57 -0.82 6.85
CA LYS A 21 -13.52 -0.82 7.96
C LYS A 21 -14.10 0.58 8.12
N GLY A 22 -14.69 0.90 9.28
CA GLY A 22 -15.14 2.26 9.53
C GLY A 22 -14.00 3.25 9.45
N LYS A 23 -14.35 4.52 9.18
CA LYS A 23 -13.31 5.52 8.97
C LYS A 23 -12.55 5.83 10.26
N HIS A 24 -13.18 5.65 11.42
CA HIS A 24 -12.52 5.69 12.72
C HIS A 24 -11.78 4.39 13.02
N GLU A 25 -11.85 3.41 12.12
CA GLU A 25 -11.08 2.17 12.20
C GLU A 25 -9.88 2.16 11.25
N LYS A 26 -9.62 3.25 10.56
CA LYS A 26 -8.43 3.33 9.74
C LYS A 26 -7.18 3.33 10.63
N LYS A 27 -6.05 3.00 10.02
CA LYS A 27 -4.82 2.76 10.77
C LYS A 27 -3.65 3.47 10.11
N THR A 28 -2.63 3.77 10.93
CA THR A 28 -1.38 4.26 10.36
C THR A 28 -0.68 3.11 9.62
N TRP A 29 0.40 3.46 8.90
CA TRP A 29 1.13 2.41 8.17
C TRP A 29 1.66 1.37 9.14
N PHE A 30 2.26 1.81 10.24
CA PHE A 30 2.82 0.87 11.20
C PHE A 30 1.74 0.03 11.86
N GLU A 31 0.60 0.63 12.20
CA GLU A 31 -0.50 -0.13 12.78
C GLU A 31 -1.03 -1.16 11.80
N SER A 32 -1.08 -0.80 10.52
CA SER A 32 -1.54 -1.73 9.50
C SER A 32 -0.55 -2.87 9.33
N ARG A 33 0.75 -2.55 9.28
CA ARG A 33 1.78 -3.59 9.20
C ARG A 33 1.66 -4.55 10.38
N ASP A 34 1.49 -4.01 11.58
CA ASP A 34 1.35 -4.86 12.76
C ASP A 34 0.12 -5.74 12.67
N PHE A 35 -1.00 -5.20 12.18
CA PHE A 35 -2.21 -5.99 12.00
C PHE A 35 -1.95 -7.17 11.07
N CYS A 36 -1.32 -6.93 9.92
CA CYS A 36 -1.09 -8.01 8.97
C CYS A 36 -0.07 -8.99 9.51
N ARG A 37 0.96 -8.49 10.19
CA ARG A 37 1.99 -9.37 10.74
C ARG A 37 1.46 -10.22 11.88
N ALA A 38 0.46 -9.71 12.62
CA ALA A 38 -0.17 -10.49 13.66
C ALA A 38 -0.90 -11.71 13.10
N LEU A 39 -1.25 -11.68 11.82
CA LEU A 39 -1.84 -12.82 11.12
C LEU A 39 -0.78 -13.74 10.53
N GLY A 40 0.50 -13.45 10.75
CA GLY A 40 1.57 -14.20 10.14
C GLY A 40 1.95 -13.74 8.75
N GLY A 41 1.35 -12.67 8.27
CA GLY A 41 1.65 -12.14 6.95
C GLY A 41 2.32 -10.78 6.99
N ASP A 42 1.93 -9.91 6.07
CA ASP A 42 2.53 -8.60 5.96
C ASP A 42 1.57 -7.73 5.16
N LEU A 43 1.88 -6.44 5.08
CA LEU A 43 1.19 -5.60 4.13
C LEU A 43 1.48 -6.10 2.71
N ALA A 44 0.52 -5.90 1.81
CA ALA A 44 0.61 -6.43 0.46
C ALA A 44 1.74 -5.77 -0.32
N SER A 45 2.52 -6.59 -1.03
CA SER A 45 3.43 -6.09 -2.04
C SER A 45 2.84 -6.40 -3.41
N ILE A 46 2.96 -5.45 -4.31
CA ILE A 46 2.45 -5.60 -5.68
C ILE A 46 3.67 -5.66 -6.58
N ASN A 47 3.99 -6.86 -7.05
CA ASN A 47 5.23 -7.04 -7.79
C ASN A 47 5.04 -7.24 -9.28
N ASN A 48 3.81 -7.24 -9.79
CA ASN A 48 3.56 -7.43 -11.21
C ASN A 48 2.10 -7.09 -11.49
N LYS A 49 1.78 -7.02 -12.78
CA LYS A 49 0.43 -6.64 -13.20
C LYS A 49 -0.61 -7.68 -12.80
N GLU A 50 -0.22 -8.96 -12.68
CA GLU A 50 -1.18 -9.98 -12.27
C GLU A 50 -1.66 -9.74 -10.84
N GLU A 51 -0.72 -9.51 -9.92
N GLU A 51 -0.73 -9.48 -9.92
CA GLU A 51 -1.10 -9.17 -8.54
CA GLU A 51 -1.13 -9.18 -8.54
C GLU A 51 -1.95 -7.91 -8.50
C GLU A 51 -1.91 -7.88 -8.45
N GLN A 52 -1.60 -6.91 -9.30
CA GLN A 52 -2.38 -5.68 -9.35
C GLN A 52 -3.82 -5.96 -9.76
N GLN A 53 -4.01 -6.80 -10.78
CA GLN A 53 -5.35 -7.14 -11.23
C GLN A 53 -6.12 -7.91 -10.16
N THR A 54 -5.45 -8.83 -9.46
CA THR A 54 -6.11 -9.56 -8.38
C THR A 54 -6.66 -8.60 -7.34
N ILE A 55 -5.88 -7.59 -6.96
CA ILE A 55 -6.32 -6.64 -5.97
C ILE A 55 -7.42 -5.74 -6.52
N TRP A 56 -7.28 -5.29 -7.77
CA TRP A 56 -8.34 -4.50 -8.39
C TRP A 56 -9.66 -5.26 -8.40
N ARG A 57 -9.61 -6.55 -8.71
CA ARG A 57 -10.86 -7.31 -8.72
C ARG A 57 -11.45 -7.46 -7.32
N LEU A 58 -10.60 -7.55 -6.29
CA LEU A 58 -11.11 -7.55 -4.92
C LEU A 58 -11.81 -6.24 -4.62
N ILE A 59 -11.26 -5.13 -5.12
CA ILE A 59 -11.90 -3.83 -4.93
C ILE A 59 -13.27 -3.81 -5.61
N THR A 60 -13.35 -4.27 -6.86
CA THR A 60 -14.65 -4.27 -7.53
C THR A 60 -15.64 -5.18 -6.83
N ALA A 61 -15.18 -6.32 -6.33
CA ALA A 61 -16.08 -7.25 -5.64
C ALA A 61 -16.66 -6.63 -4.37
N SER A 62 -15.87 -5.81 -3.67
CA SER A 62 -16.35 -5.18 -2.44
C SER A 62 -17.24 -3.98 -2.73
N GLY A 63 -17.17 -3.43 -3.95
CA GLY A 63 -17.93 -2.25 -4.31
C GLY A 63 -17.39 -0.95 -3.76
N SER A 64 -16.25 -0.98 -3.07
CA SER A 64 -15.65 0.21 -2.47
C SER A 64 -14.60 0.75 -3.45
N TYR A 65 -15.01 1.70 -4.27
CA TYR A 65 -14.15 2.30 -5.28
C TYR A 65 -13.57 3.62 -4.78
N HIS A 66 -12.44 4.00 -5.36
CA HIS A 66 -11.73 5.26 -5.09
C HIS A 66 -11.15 5.34 -3.68
N LYS A 67 -11.22 4.28 -2.89
CA LYS A 67 -10.64 4.33 -1.56
C LYS A 67 -9.13 4.15 -1.62
N LEU A 68 -8.45 4.63 -0.58
CA LEU A 68 -7.00 4.54 -0.47
C LEU A 68 -6.63 3.46 0.53
N PHE A 69 -5.57 2.72 0.23
CA PHE A 69 -5.15 1.57 1.04
C PHE A 69 -3.65 1.60 1.23
N TRP A 70 -3.20 1.37 2.45
CA TRP A 70 -1.78 1.12 2.63
C TRP A 70 -1.34 -0.15 1.91
N LEU A 71 -0.17 -0.06 1.27
CA LEU A 71 0.59 -1.20 0.78
C LEU A 71 1.85 -1.30 1.62
N GLY A 72 2.64 -2.35 1.37
CA GLY A 72 3.89 -2.50 2.10
C GLY A 72 5.05 -1.59 1.72
N LEU A 73 4.78 -0.49 1.02
CA LEU A 73 5.86 0.44 0.62
C LEU A 73 6.32 1.27 1.80
N THR A 74 7.62 1.22 2.08
CA THR A 74 8.21 2.07 3.11
C THR A 74 9.62 2.45 2.68
N TYR A 75 10.00 3.69 3.00
CA TYR A 75 11.31 4.17 2.59
C TYR A 75 12.39 3.44 3.37
N GLY A 76 13.48 3.10 2.68
CA GLY A 76 14.66 2.57 3.33
C GLY A 76 15.68 3.67 3.58
N SER A 77 16.94 3.37 3.33
CA SER A 77 17.99 4.38 3.44
C SER A 77 17.84 5.40 2.31
N PRO A 78 18.48 6.57 2.43
CA PRO A 78 18.47 7.53 1.30
C PRO A 78 18.97 6.91 0.02
N SER A 79 19.94 6.01 0.10
CA SER A 79 20.44 5.38 -1.10
C SER A 79 19.38 4.49 -1.75
N GLU A 80 18.67 3.69 -0.92
CA GLU A 80 17.73 2.68 -1.43
C GLU A 80 16.47 3.32 -1.99
N GLY A 81 15.95 4.35 -1.32
CA GLY A 81 14.61 4.79 -1.62
C GLY A 81 13.58 3.78 -1.11
N PHE A 82 12.47 3.67 -1.84
CA PHE A 82 11.39 2.81 -1.38
C PHE A 82 11.73 1.33 -1.44
N THR A 83 11.20 0.59 -0.47
CA THR A 83 11.33 -0.85 -0.33
C THR A 83 9.96 -1.45 -0.03
N TRP A 84 9.87 -2.77 -0.14
CA TRP A 84 8.69 -3.50 0.31
C TRP A 84 8.95 -4.06 1.69
N SER A 85 7.94 -3.95 2.57
CA SER A 85 8.10 -4.44 3.93
C SER A 85 8.34 -5.94 3.99
N ASP A 86 7.88 -6.72 2.99
CA ASP A 86 8.14 -8.16 2.97
C ASP A 86 9.50 -8.53 2.38
N GLY A 87 10.28 -7.55 1.95
CA GLY A 87 11.59 -7.82 1.39
C GLY A 87 11.62 -8.14 -0.09
N SER A 88 10.45 -8.18 -0.74
CA SER A 88 10.40 -8.42 -2.18
CA SER A 88 10.46 -8.45 -2.17
C SER A 88 11.05 -7.25 -2.91
N PRO A 89 11.59 -7.48 -4.11
CA PRO A 89 12.20 -6.36 -4.86
C PRO A 89 11.15 -5.38 -5.36
N VAL A 90 11.52 -4.10 -5.37
CA VAL A 90 10.72 -3.08 -6.03
C VAL A 90 11.16 -3.03 -7.49
N SER A 91 10.78 -4.05 -8.27
CA SER A 91 11.06 -4.03 -9.69
C SER A 91 9.91 -3.36 -10.44
N TYR A 92 8.71 -3.91 -10.29
CA TYR A 92 7.52 -3.26 -10.82
C TYR A 92 7.20 -2.02 -10.00
N GLU A 93 6.88 -0.92 -10.69
CA GLU A 93 6.47 0.31 -10.05
C GLU A 93 5.24 0.85 -10.78
N ASN A 94 4.30 1.40 -10.03
CA ASN A 94 3.09 1.98 -10.61
C ASN A 94 2.76 3.29 -9.90
N TRP A 95 3.77 4.13 -9.70
CA TRP A 95 3.53 5.43 -9.10
C TRP A 95 2.61 6.28 -9.96
N ALA A 96 1.72 7.02 -9.30
CA ALA A 96 0.97 8.03 -10.02
C ALA A 96 1.93 9.05 -10.59
N TYR A 97 1.48 9.75 -11.62
CA TYR A 97 2.30 10.76 -12.25
C TYR A 97 2.69 11.82 -11.23
N GLY A 98 3.99 12.13 -11.18
CA GLY A 98 4.50 13.08 -10.22
C GLY A 98 4.94 12.48 -8.91
N GLU A 99 4.67 11.19 -8.69
CA GLU A 99 5.01 10.50 -7.45
C GLU A 99 6.19 9.55 -7.66
N PRO A 100 6.94 9.23 -6.60
CA PRO A 100 6.77 9.81 -5.27
C PRO A 100 7.30 11.24 -5.23
N ASN A 101 6.59 12.13 -4.56
CA ASN A 101 6.95 13.54 -4.54
C ASN A 101 7.44 14.03 -3.19
N ASN A 102 7.50 13.14 -2.19
CA ASN A 102 7.87 13.49 -0.82
C ASN A 102 7.38 14.87 -0.42
N TYR A 103 6.07 15.04 -0.45
CA TYR A 103 5.49 16.36 -0.26
C TYR A 103 5.79 16.86 1.14
N GLN A 104 6.40 18.05 1.22
CA GLN A 104 6.81 18.66 2.48
C GLN A 104 7.83 17.83 3.25
N ASN A 105 8.47 16.86 2.58
CA ASN A 105 9.57 16.06 3.11
CA ASN A 105 9.58 16.08 3.12
C ASN A 105 9.15 15.11 4.22
N VAL A 106 7.86 14.73 4.26
CA VAL A 106 7.37 13.91 5.36
C VAL A 106 6.67 12.63 4.90
N GLU A 107 6.85 12.24 3.63
CA GLU A 107 6.09 11.12 3.05
C GLU A 107 6.99 9.92 2.84
N TYR A 108 6.96 8.97 3.78
CA TYR A 108 7.89 7.83 3.73
C TYR A 108 7.20 6.48 3.63
N CYS A 109 5.88 6.45 3.43
CA CYS A 109 5.12 5.22 3.24
C CYS A 109 4.31 5.34 1.96
N GLY A 110 3.92 4.21 1.40
CA GLY A 110 3.19 4.18 0.13
C GLY A 110 1.78 3.65 0.25
N GLU A 111 0.85 4.33 -0.43
CA GLU A 111 -0.54 3.93 -0.48
C GLU A 111 -0.95 3.63 -1.93
N LEU A 112 -2.02 2.85 -2.05
CA LEU A 112 -2.65 2.52 -3.31
C LEU A 112 -3.94 3.33 -3.46
N LYS A 113 -4.14 3.93 -4.62
CA LYS A 113 -5.43 4.55 -4.94
C LYS A 113 -6.28 3.49 -5.63
N GLY A 114 -7.37 3.08 -4.98
CA GLY A 114 -8.17 1.96 -5.44
C GLY A 114 -9.14 2.31 -6.54
N ASP A 115 -8.63 2.85 -7.62
CA ASP A 115 -9.44 3.08 -8.82
C ASP A 115 -8.81 2.26 -9.95
N PRO A 116 -9.36 2.26 -11.17
CA PRO A 116 -8.78 1.37 -12.20
C PRO A 116 -7.30 1.55 -12.45
N THR A 117 -6.74 2.74 -12.22
CA THR A 117 -5.32 2.97 -12.49
C THR A 117 -4.43 2.24 -11.48
N MET A 118 -4.95 1.98 -10.28
CA MET A 118 -4.20 1.27 -9.25
C MET A 118 -2.85 1.92 -8.96
N SER A 119 -2.82 3.25 -8.97
CA SER A 119 -1.56 3.98 -8.86
CA SER A 119 -1.55 3.97 -8.87
C SER A 119 -1.13 4.12 -7.41
N TRP A 120 0.17 4.33 -7.22
CA TRP A 120 0.77 4.46 -5.90
C TRP A 120 1.13 5.91 -5.60
N ASN A 121 1.12 6.24 -4.31
CA ASN A 121 1.48 7.57 -3.85
C ASN A 121 2.22 7.45 -2.53
N ASP A 122 3.27 8.26 -2.37
CA ASP A 122 3.89 8.36 -1.06
C ASP A 122 3.12 9.33 -0.17
N ILE A 123 2.97 8.97 1.10
CA ILE A 123 2.22 9.79 2.03
C ILE A 123 2.77 9.57 3.43
N ASN A 124 2.51 10.53 4.31
CA ASN A 124 3.01 10.44 5.68
C ASN A 124 2.55 9.14 6.34
N CYS A 125 3.47 8.48 7.02
CA CYS A 125 3.20 7.15 7.58
C CYS A 125 2.17 7.18 8.70
N GLU A 126 1.93 8.33 9.32
N GLU A 126 1.92 8.34 9.31
CA GLU A 126 0.94 8.43 10.38
CA GLU A 126 0.95 8.47 10.38
C GLU A 126 -0.45 8.69 9.85
C GLU A 126 -0.42 8.87 9.86
N HIS A 127 -0.60 8.93 8.55
CA HIS A 127 -1.90 9.11 7.94
C HIS A 127 -2.75 7.87 8.20
N LEU A 128 -4.04 8.07 8.43
CA LEU A 128 -4.95 6.95 8.67
C LEU A 128 -5.53 6.48 7.34
N ASN A 129 -5.33 5.19 7.03
CA ASN A 129 -5.78 4.63 5.78
C ASN A 129 -6.44 3.28 6.02
N ASN A 130 -7.14 2.80 4.99
CA ASN A 130 -7.43 1.38 4.89
C ASN A 130 -6.12 0.64 4.61
N TRP A 131 -6.19 -0.68 4.48
CA TRP A 131 -4.95 -1.41 4.22
C TRP A 131 -5.28 -2.72 3.53
N ILE A 132 -4.23 -3.33 2.97
CA ILE A 132 -4.34 -4.62 2.30
C ILE A 132 -3.28 -5.53 2.86
N CYS A 133 -3.68 -6.69 3.34
CA CYS A 133 -2.74 -7.68 3.84
C CYS A 133 -2.50 -8.75 2.78
N GLN A 134 -1.36 -9.43 2.93
CA GLN A 134 -1.08 -10.67 2.23
C GLN A 134 -0.80 -11.74 3.26
N ILE A 135 -1.30 -12.94 2.98
CA ILE A 135 -1.13 -14.08 3.89
C ILE A 135 -0.62 -15.29 3.12
#